data_2A5E
#
_entry.id   2A5E
#
_cell.length_a   1.000
_cell.length_b   1.000
_cell.length_c   1.000
_cell.angle_alpha   90.00
_cell.angle_beta   90.00
_cell.angle_gamma   90.00
#
_symmetry.space_group_name_H-M   'P 1'
#
_entity_poly.entity_id   1
_entity_poly.type   'polypeptide(L)'
_entity_poly.pdbx_seq_one_letter_code
;MEPAAGSSMEPSADWLATAAARGRVEEVRALLEAGALPNAPNSYGRRPIQVMMMGSARVAELLLLHGAEPNCADPATLTR
PVHDAAREGFLDTLVVLHRAGARLDVRDAWGRLPVDLAEELGHRDVARYLRAAAGGTRGSNHARIDAAEGPSDIPD
;
_entity_poly.pdbx_strand_id   A
#
# COMPACT_ATOMS: atom_id res chain seq x y z
N MET A 1 24.41 -28.08 -4.13
CA MET A 1 23.86 -28.52 -2.81
C MET A 1 22.71 -29.52 -3.01
N GLU A 2 22.92 -30.78 -2.73
CA GLU A 2 21.81 -31.79 -2.91
C GLU A 2 20.51 -31.25 -2.30
N PRO A 3 19.62 -30.82 -3.14
CA PRO A 3 18.34 -30.21 -2.69
C PRO A 3 17.21 -31.24 -2.59
N ALA A 4 15.99 -30.76 -2.53
CA ALA A 4 14.78 -31.63 -2.45
C ALA A 4 14.67 -32.30 -1.09
N ALA A 5 14.89 -31.55 -0.04
CA ALA A 5 14.78 -32.11 1.34
C ALA A 5 15.33 -31.10 2.35
N GLY A 6 16.55 -30.67 2.16
CA GLY A 6 17.14 -29.70 3.11
C GLY A 6 17.31 -28.33 2.44
N SER A 7 17.16 -28.24 1.14
CA SER A 7 17.29 -26.91 0.48
C SER A 7 16.06 -26.07 0.83
N SER A 8 15.42 -25.49 -0.16
CA SER A 8 14.19 -24.69 0.12
C SER A 8 14.48 -23.50 1.03
N MET A 9 14.37 -23.64 2.35
CA MET A 9 14.59 -22.44 3.23
C MET A 9 13.80 -21.29 2.60
N GLU A 10 12.75 -21.66 1.93
CA GLU A 10 11.92 -20.70 1.17
C GLU A 10 10.87 -20.01 2.03
N PRO A 11 11.00 -18.72 2.15
CA PRO A 11 9.95 -17.97 2.87
C PRO A 11 8.79 -17.89 1.88
N SER A 12 8.18 -19.03 1.60
CA SER A 12 7.06 -19.11 0.58
C SER A 12 6.16 -17.88 0.52
N ALA A 13 6.54 -16.80 1.14
CA ALA A 13 5.71 -15.58 1.07
C ALA A 13 5.76 -15.01 -0.34
N ASP A 14 6.87 -15.18 -1.03
CA ASP A 14 6.97 -14.66 -2.42
C ASP A 14 5.71 -15.02 -3.20
N TRP A 15 5.19 -16.19 -2.97
CA TRP A 15 3.94 -16.61 -3.68
C TRP A 15 2.79 -15.67 -3.32
N LEU A 16 2.50 -15.49 -2.05
CA LEU A 16 1.40 -14.57 -1.66
C LEU A 16 1.61 -13.21 -2.36
N ALA A 17 2.84 -12.91 -2.69
CA ALA A 17 3.14 -11.62 -3.40
C ALA A 17 3.00 -11.84 -4.91
N THR A 18 3.69 -12.81 -5.46
CA THR A 18 3.57 -13.08 -6.92
C THR A 18 2.11 -13.37 -7.26
N ALA A 19 1.47 -14.23 -6.51
CA ALA A 19 0.04 -14.53 -6.77
C ALA A 19 -0.76 -13.23 -6.70
N ALA A 20 -0.47 -12.40 -5.73
CA ALA A 20 -1.19 -11.10 -5.62
C ALA A 20 -0.92 -10.27 -6.88
N ALA A 21 0.33 -10.15 -7.26
CA ALA A 21 0.67 -9.37 -8.48
C ALA A 21 -0.06 -9.94 -9.68
N ARG A 22 -0.32 -11.23 -9.67
CA ARG A 22 -1.03 -11.87 -10.81
C ARG A 22 -2.53 -11.84 -10.57
N GLY A 23 -3.00 -11.00 -9.68
CA GLY A 23 -4.46 -10.93 -9.40
C GLY A 23 -4.97 -12.32 -8.99
N ARG A 24 -4.21 -13.01 -8.18
CA ARG A 24 -4.65 -14.37 -7.74
C ARG A 24 -5.04 -14.34 -6.26
N VAL A 25 -6.28 -14.01 -5.98
CA VAL A 25 -6.74 -13.95 -4.56
C VAL A 25 -6.77 -15.36 -3.97
N GLU A 26 -7.44 -16.28 -4.62
CA GLU A 26 -7.53 -17.67 -4.09
C GLU A 26 -6.13 -18.21 -3.74
N GLU A 27 -5.18 -18.01 -4.60
CA GLU A 27 -3.79 -18.51 -4.31
C GLU A 27 -3.27 -17.89 -3.00
N VAL A 28 -3.29 -16.60 -2.90
CA VAL A 28 -2.80 -15.93 -1.66
C VAL A 28 -3.69 -16.30 -0.47
N ARG A 29 -4.98 -16.26 -0.65
CA ARG A 29 -5.92 -16.58 0.47
C ARG A 29 -5.48 -17.88 1.17
N ALA A 30 -5.24 -18.92 0.40
CA ALA A 30 -4.82 -20.21 1.01
C ALA A 30 -3.33 -20.17 1.39
N LEU A 31 -2.51 -19.56 0.57
CA LEU A 31 -1.06 -19.48 0.89
C LEU A 31 -0.86 -18.86 2.28
N LEU A 32 -1.18 -17.60 2.42
CA LEU A 32 -1.00 -16.92 3.74
C LEU A 32 -1.69 -17.71 4.85
N GLU A 33 -2.84 -18.27 4.59
CA GLU A 33 -3.52 -19.06 5.65
C GLU A 33 -2.74 -20.36 5.90
N ALA A 34 -1.81 -20.68 5.03
CA ALA A 34 -1.02 -21.92 5.20
C ALA A 34 0.35 -21.61 5.83
N GLY A 35 0.76 -20.36 5.81
CA GLY A 35 2.08 -20.01 6.43
C GLY A 35 2.83 -18.96 5.60
N ALA A 36 2.22 -18.38 4.60
CA ALA A 36 2.95 -17.34 3.79
C ALA A 36 3.41 -16.19 4.70
N LEU A 37 4.66 -15.83 4.62
CA LEU A 37 5.19 -14.74 5.48
C LEU A 37 4.50 -13.40 5.15
N PRO A 38 4.06 -12.71 6.17
CA PRO A 38 3.38 -11.41 5.96
C PRO A 38 4.39 -10.33 5.56
N ASN A 39 5.56 -10.37 6.12
CA ASN A 39 6.59 -9.34 5.79
C ASN A 39 7.82 -10.01 5.16
N ALA A 40 7.69 -10.50 3.95
CA ALA A 40 8.85 -11.16 3.28
C ALA A 40 9.49 -10.21 2.26
N PRO A 41 10.80 -10.24 2.21
CA PRO A 41 11.53 -9.37 1.24
C PRO A 41 11.45 -9.94 -0.17
N ASN A 42 10.92 -9.19 -1.09
CA ASN A 42 10.81 -9.70 -2.49
C ASN A 42 11.98 -9.16 -3.33
N SER A 43 12.07 -9.56 -4.58
CA SER A 43 13.19 -9.09 -5.44
C SER A 43 12.83 -7.74 -6.08
N TYR A 44 11.64 -7.26 -5.89
CA TYR A 44 11.25 -5.95 -6.49
C TYR A 44 11.37 -4.82 -5.47
N GLY A 45 11.94 -5.09 -4.32
CA GLY A 45 12.07 -4.03 -3.28
C GLY A 45 10.68 -3.47 -2.96
N ARG A 46 9.66 -4.23 -3.24
CA ARG A 46 8.27 -3.73 -2.96
C ARG A 46 7.61 -4.60 -1.88
N ARG A 47 6.67 -4.04 -1.16
CA ARG A 47 5.99 -4.82 -0.09
C ARG A 47 5.13 -5.92 -0.73
N PRO A 48 4.58 -6.79 0.09
CA PRO A 48 3.75 -7.91 -0.43
C PRO A 48 2.39 -7.43 -0.96
N ILE A 49 2.02 -6.19 -0.70
CA ILE A 49 0.71 -5.69 -1.23
C ILE A 49 0.96 -4.68 -2.35
N GLN A 50 1.98 -3.87 -2.21
CA GLN A 50 2.27 -2.88 -3.29
C GLN A 50 2.40 -3.61 -4.63
N VAL A 51 2.66 -4.89 -4.60
CA VAL A 51 2.78 -5.68 -5.85
C VAL A 51 1.63 -6.69 -5.94
N MET A 52 0.45 -6.31 -5.54
CA MET A 52 -0.70 -7.28 -5.61
C MET A 52 -1.60 -6.93 -6.79
N MET A 53 -1.02 -6.46 -7.87
CA MET A 53 -1.83 -6.10 -9.08
C MET A 53 -2.71 -4.87 -8.83
N MET A 54 -2.95 -4.53 -7.60
CA MET A 54 -3.81 -3.34 -7.29
C MET A 54 -5.15 -3.47 -8.03
N GLY A 55 -5.54 -4.67 -8.36
CA GLY A 55 -6.83 -4.88 -9.07
C GLY A 55 -7.74 -5.77 -8.22
N SER A 56 -7.34 -6.05 -7.01
CA SER A 56 -8.19 -6.91 -6.13
C SER A 56 -7.93 -6.56 -4.65
N ALA A 57 -8.72 -5.69 -4.09
CA ALA A 57 -8.52 -5.31 -2.66
C ALA A 57 -8.57 -6.56 -1.79
N ARG A 58 -9.25 -7.58 -2.24
CA ARG A 58 -9.33 -8.83 -1.43
C ARG A 58 -7.92 -9.32 -1.08
N VAL A 59 -7.03 -9.29 -2.03
CA VAL A 59 -5.63 -9.71 -1.75
C VAL A 59 -5.08 -8.89 -0.58
N ALA A 60 -5.14 -7.58 -0.68
CA ALA A 60 -4.65 -6.72 0.42
C ALA A 60 -5.32 -7.13 1.74
N GLU A 61 -6.59 -7.44 1.71
CA GLU A 61 -7.30 -7.84 2.97
C GLU A 61 -6.53 -8.99 3.65
N LEU A 62 -6.52 -10.15 3.05
CA LEU A 62 -5.78 -11.29 3.64
C LEU A 62 -4.38 -10.84 4.05
N LEU A 63 -3.62 -10.36 3.11
CA LEU A 63 -2.24 -9.88 3.42
C LEU A 63 -2.25 -8.87 4.57
N LEU A 64 -2.84 -7.72 4.34
CA LEU A 64 -2.92 -6.67 5.40
C LEU A 64 -3.38 -7.27 6.73
N LEU A 65 -4.52 -7.92 6.73
CA LEU A 65 -5.02 -8.53 8.00
C LEU A 65 -4.01 -9.53 8.53
N HIS A 66 -3.17 -10.08 7.67
CA HIS A 66 -2.17 -11.06 8.13
C HIS A 66 -0.90 -10.34 8.59
N GLY A 67 -0.63 -9.17 8.03
CA GLY A 67 0.57 -8.42 8.45
C GLY A 67 1.36 -7.92 7.23
N ALA A 68 0.69 -7.52 6.17
CA ALA A 68 1.45 -7.02 4.99
C ALA A 68 2.22 -5.75 5.36
N GLU A 69 2.61 -4.98 4.40
CA GLU A 69 3.36 -3.72 4.71
C GLU A 69 2.58 -2.51 4.16
N PRO A 70 1.40 -2.32 4.68
CA PRO A 70 0.55 -1.18 4.25
C PRO A 70 1.16 0.14 4.72
N ASN A 71 2.09 0.10 5.64
CA ASN A 71 2.71 1.35 6.14
C ASN A 71 4.11 1.53 5.55
N CYS A 72 5.01 0.62 5.86
CA CYS A 72 6.41 0.73 5.32
C CYS A 72 6.40 0.97 3.81
N ALA A 73 7.41 1.62 3.30
CA ALA A 73 7.48 1.89 1.84
C ALA A 73 8.89 1.62 1.32
N ASP A 74 9.22 2.10 0.15
CA ASP A 74 10.58 1.86 -0.41
C ASP A 74 11.51 3.02 -0.01
N PRO A 75 12.70 2.69 0.45
CA PRO A 75 13.66 3.73 0.87
C PRO A 75 14.21 4.47 -0.36
N ALA A 76 13.91 4.01 -1.55
CA ALA A 76 14.41 4.69 -2.78
C ALA A 76 13.49 5.85 -3.15
N THR A 77 12.23 5.58 -3.34
CA THR A 77 11.28 6.67 -3.70
C THR A 77 10.16 6.76 -2.65
N LEU A 78 10.35 6.16 -1.51
CA LEU A 78 9.31 6.22 -0.43
C LEU A 78 7.94 5.86 -0.98
N THR A 79 7.88 5.06 -2.00
CA THR A 79 6.56 4.68 -2.57
C THR A 79 5.74 3.86 -1.57
N ARG A 80 4.78 4.48 -0.93
CA ARG A 80 3.93 3.74 0.05
C ARG A 80 2.87 2.94 -0.72
N PRO A 81 2.34 1.90 -0.12
CA PRO A 81 1.30 1.09 -0.79
C PRO A 81 0.03 1.92 -1.00
N VAL A 82 -0.06 3.05 -0.37
CA VAL A 82 -1.27 3.92 -0.54
C VAL A 82 -1.35 4.40 -1.99
N HIS A 83 -0.23 4.63 -2.62
CA HIS A 83 -0.25 5.09 -4.03
C HIS A 83 -0.73 3.95 -4.93
N ASP A 84 -0.20 2.78 -4.73
CA ASP A 84 -0.60 1.59 -5.55
C ASP A 84 -2.12 1.48 -5.63
N ALA A 85 -2.81 1.65 -4.54
CA ALA A 85 -4.30 1.55 -4.57
C ALA A 85 -4.86 2.64 -5.49
N ALA A 86 -4.62 3.88 -5.17
CA ALA A 86 -5.13 5.00 -6.02
C ALA A 86 -4.55 4.91 -7.43
N ARG A 87 -3.35 4.43 -7.58
CA ARG A 87 -2.74 4.33 -8.94
C ARG A 87 -3.68 3.57 -9.89
N GLU A 88 -4.24 2.48 -9.44
CA GLU A 88 -5.17 1.70 -10.31
C GLU A 88 -6.61 2.18 -10.10
N GLY A 89 -6.83 3.08 -9.17
CA GLY A 89 -8.22 3.57 -8.93
C GLY A 89 -8.96 2.58 -8.04
N PHE A 90 -8.27 1.93 -7.14
CA PHE A 90 -8.95 0.95 -6.26
C PHE A 90 -9.19 1.53 -4.86
N LEU A 91 -10.38 2.00 -4.60
CA LEU A 91 -10.68 2.57 -3.25
C LEU A 91 -10.83 1.44 -2.24
N ASP A 92 -11.37 0.32 -2.65
CA ASP A 92 -11.55 -0.82 -1.71
C ASP A 92 -10.23 -1.12 -1.00
N THR A 93 -9.14 -1.03 -1.71
CA THR A 93 -7.81 -1.30 -1.10
C THR A 93 -7.50 -0.21 -0.06
N LEU A 94 -7.77 1.03 -0.38
CA LEU A 94 -7.49 2.13 0.59
C LEU A 94 -8.23 1.85 1.90
N VAL A 95 -9.46 1.41 1.82
CA VAL A 95 -10.23 1.11 3.06
C VAL A 95 -9.48 0.07 3.91
N VAL A 96 -9.12 -1.03 3.32
CA VAL A 96 -8.37 -2.09 4.07
C VAL A 96 -7.13 -1.47 4.73
N LEU A 97 -6.39 -0.69 4.00
CA LEU A 97 -5.16 -0.05 4.57
C LEU A 97 -5.51 0.77 5.81
N HIS A 98 -6.46 1.67 5.70
CA HIS A 98 -6.84 2.50 6.89
C HIS A 98 -7.76 1.72 7.82
N ARG A 99 -8.28 0.60 7.39
CA ARG A 99 -9.20 -0.20 8.26
C ARG A 99 -8.40 -1.02 9.27
N ALA A 100 -7.13 -1.18 9.05
CA ALA A 100 -6.32 -1.98 9.99
C ALA A 100 -5.09 -1.19 10.44
N GLY A 101 -4.47 -0.48 9.53
CA GLY A 101 -3.27 0.31 9.92
C GLY A 101 -2.48 0.67 8.65
N ALA A 102 -2.50 1.91 8.24
CA ALA A 102 -1.74 2.29 7.02
C ALA A 102 -1.57 3.82 6.95
N ARG A 103 -0.36 4.30 7.02
CA ARG A 103 -0.13 5.77 6.94
C ARG A 103 -0.41 6.25 5.52
N LEU A 104 -1.38 7.10 5.34
CA LEU A 104 -1.70 7.60 3.98
C LEU A 104 -1.21 9.04 3.78
N ASP A 105 -0.45 9.56 4.71
CA ASP A 105 0.05 10.96 4.56
C ASP A 105 1.57 10.96 4.34
N VAL A 106 2.05 10.18 3.40
CA VAL A 106 3.51 10.14 3.14
C VAL A 106 3.81 10.84 1.80
N ARG A 107 5.01 10.70 1.32
CA ARG A 107 5.38 11.33 0.03
C ARG A 107 6.19 10.33 -0.81
N ASP A 108 6.19 10.47 -2.10
CA ASP A 108 6.98 9.52 -2.94
C ASP A 108 8.42 10.01 -3.07
N ALA A 109 9.06 10.32 -1.95
CA ALA A 109 10.48 10.80 -1.98
C ALA A 109 10.58 12.11 -2.75
N TRP A 110 10.21 12.06 -3.99
CA TRP A 110 10.30 13.25 -4.84
C TRP A 110 9.44 14.39 -4.29
N GLY A 111 8.32 14.07 -3.69
CA GLY A 111 7.45 15.14 -3.11
C GLY A 111 5.99 14.92 -3.50
N ARG A 112 5.70 13.97 -4.34
CA ARG A 112 4.29 13.74 -4.77
C ARG A 112 3.51 12.97 -3.69
N LEU A 113 2.21 13.08 -3.71
CA LEU A 113 1.37 12.35 -2.70
C LEU A 113 0.52 11.28 -3.38
N PRO A 114 -0.02 10.39 -2.59
CA PRO A 114 -0.90 9.32 -3.15
C PRO A 114 -2.19 9.96 -3.66
N VAL A 115 -2.60 11.04 -3.07
CA VAL A 115 -3.84 11.72 -3.54
C VAL A 115 -3.54 12.53 -4.80
N ASP A 116 -2.35 13.05 -4.91
CA ASP A 116 -1.99 13.85 -6.12
C ASP A 116 -1.94 12.92 -7.35
N LEU A 117 -1.52 11.70 -7.17
CA LEU A 117 -1.44 10.75 -8.31
C LEU A 117 -2.86 10.38 -8.79
N ALA A 118 -3.74 10.07 -7.88
CA ALA A 118 -5.13 9.69 -8.27
C ALA A 118 -5.79 10.81 -9.08
N GLU A 119 -5.70 12.02 -8.62
CA GLU A 119 -6.31 13.15 -9.36
C GLU A 119 -5.72 13.28 -10.77
N GLU A 120 -4.48 12.90 -10.93
CA GLU A 120 -3.84 13.00 -12.28
C GLU A 120 -4.26 11.83 -13.18
N LEU A 121 -4.37 10.65 -12.63
CA LEU A 121 -4.77 9.48 -13.46
C LEU A 121 -6.29 9.46 -13.67
N GLY A 122 -7.03 9.98 -12.72
CA GLY A 122 -8.51 9.99 -12.88
C GLY A 122 -9.18 9.11 -11.82
N HIS A 123 -8.51 8.87 -10.72
CA HIS A 123 -9.12 8.02 -9.65
C HIS A 123 -9.78 8.92 -8.61
N ARG A 124 -10.69 9.76 -9.05
CA ARG A 124 -11.38 10.69 -8.11
C ARG A 124 -11.85 9.94 -6.86
N ASP A 125 -12.55 8.85 -7.06
CA ASP A 125 -13.04 8.06 -5.89
C ASP A 125 -11.90 7.82 -4.89
N VAL A 126 -10.72 7.55 -5.38
CA VAL A 126 -9.58 7.32 -4.43
C VAL A 126 -8.94 8.66 -4.05
N ALA A 127 -8.80 9.55 -5.00
CA ALA A 127 -8.19 10.87 -4.68
C ALA A 127 -9.07 11.58 -3.63
N ARG A 128 -10.36 11.41 -3.72
CA ARG A 128 -11.28 12.05 -2.72
C ARG A 128 -11.03 11.42 -1.35
N TYR A 129 -11.24 10.14 -1.22
CA TYR A 129 -11.01 9.45 0.09
C TYR A 129 -9.57 9.69 0.54
N LEU A 130 -8.66 9.79 -0.39
CA LEU A 130 -7.23 10.01 -0.01
C LEU A 130 -7.09 11.39 0.63
N ARG A 131 -7.64 12.41 0.01
CA ARG A 131 -7.54 13.78 0.60
C ARG A 131 -8.20 13.80 1.99
N ALA A 132 -9.02 12.83 2.29
CA ALA A 132 -9.68 12.79 3.63
C ALA A 132 -8.77 12.10 4.63
N ALA A 133 -8.41 10.87 4.36
CA ALA A 133 -7.52 10.12 5.29
C ALA A 133 -6.05 10.38 4.95
N ALA A 134 -5.69 10.20 3.69
CA ALA A 134 -4.29 10.43 3.28
C ALA A 134 -3.91 11.90 3.49
N GLY A 135 -4.54 12.79 2.79
CA GLY A 135 -4.21 14.24 2.95
C GLY A 135 -5.33 14.93 3.71
N GLY A 136 -5.68 14.42 4.87
CA GLY A 136 -6.77 15.05 5.68
C GLY A 136 -6.47 16.53 5.88
N THR A 137 -6.94 17.37 4.98
CA THR A 137 -6.68 18.83 5.10
C THR A 137 -7.82 19.63 4.48
N ARG A 138 -7.73 20.94 4.50
CA ARG A 138 -8.82 21.78 3.91
C ARG A 138 -8.22 22.93 3.07
N GLY A 139 -8.19 24.13 3.58
CA GLY A 139 -7.61 25.28 2.83
C GLY A 139 -7.45 26.49 3.76
N SER A 140 -7.47 27.68 3.22
CA SER A 140 -7.33 28.93 4.06
C SER A 140 -6.25 28.77 5.14
N ASN A 141 -6.50 29.28 6.32
CA ASN A 141 -5.50 29.20 7.41
C ASN A 141 -6.17 28.85 8.76
N HIS A 142 -5.40 28.35 9.69
CA HIS A 142 -5.94 28.01 11.06
C HIS A 142 -7.08 26.98 10.99
N ALA A 143 -7.24 26.23 12.08
CA ALA A 143 -8.29 25.14 12.21
C ALA A 143 -7.56 23.84 12.60
N ARG A 144 -7.68 22.79 11.80
CA ARG A 144 -6.91 21.54 12.10
C ARG A 144 -5.52 21.70 11.49
N ILE A 145 -5.27 22.91 11.06
CA ILE A 145 -4.00 23.35 10.38
C ILE A 145 -4.38 23.96 9.03
N ASP A 146 -5.60 23.72 8.67
CA ASP A 146 -6.22 24.25 7.41
C ASP A 146 -5.82 23.47 6.17
N ALA A 147 -4.63 23.01 6.10
CA ALA A 147 -4.19 22.22 4.91
C ALA A 147 -2.77 21.68 5.02
N ALA A 148 -2.47 20.69 4.22
CA ALA A 148 -1.12 20.03 4.18
C ALA A 148 -0.07 20.75 5.02
N GLU A 149 -0.13 20.58 6.31
CA GLU A 149 0.86 21.25 7.25
C GLU A 149 1.85 22.14 6.50
N GLY A 150 1.42 23.31 6.09
CA GLY A 150 2.34 24.22 5.35
C GLY A 150 1.73 25.62 5.24
N PRO A 151 0.68 25.69 4.47
CA PRO A 151 -0.02 26.98 4.26
C PRO A 151 -0.86 27.37 5.49
N SER A 152 -0.38 28.23 6.35
CA SER A 152 -1.16 28.63 7.57
C SER A 152 -0.29 29.48 8.51
N ASP A 153 -0.65 29.56 9.77
CA ASP A 153 0.23 30.28 10.75
C ASP A 153 1.40 29.35 11.06
N ILE A 154 1.50 28.34 10.25
CA ILE A 154 2.58 27.33 10.35
C ILE A 154 3.24 27.25 8.98
N PRO A 155 4.51 27.57 8.91
CA PRO A 155 5.22 27.58 7.61
C PRO A 155 5.65 26.20 7.13
N ASP A 156 5.17 25.17 7.77
CA ASP A 156 5.53 23.77 7.34
C ASP A 156 5.18 22.78 8.44
#